data_6Q1B
#
_entry.id   6Q1B
#
_cell.length_a   42.305
_cell.length_b   80.772
_cell.length_c   102.076
_cell.angle_alpha   90.000
_cell.angle_beta   90.000
_cell.angle_gamma   90.000
#
_symmetry.space_group_name_H-M   'P 21 21 21'
#
loop_
_entity.id
_entity.type
_entity.pdbx_description
1 polymer 'iodotyrosine deiodinase'
2 non-polymer 'FLAVIN MONONUCLEOTIDE'
3 non-polymer 3-FLUOROTYROSINE
4 non-polymer 'CHLORIDE ION'
5 water water
#
_entity_poly.entity_id   1
_entity_poly.type   'polypeptide(L)'
_entity_poly.pdbx_seq_one_letter_code
;MKMLYDLAKKRKTVRRFKKEKPPLEDLIYSLKVANEAPSGMNAQPWRFLIVEDEKLKGQIRRVCERSEKTFYENVRGRLK
EWLDEKRFTWRKPFLKEAPYLLLVFSEKSAPYSRESVWLAVGYLLLALEEKGLGSVPYTPPDFREVEKLVNTPSELRLEV
ILPVGYPDDPKPKYPRNEVIVRYNTFHHHHHH
;
_entity_poly.pdbx_strand_id   A,B
#
loop_
_chem_comp.id
_chem_comp.type
_chem_comp.name
_chem_comp.formula
CL non-polymer 'CHLORIDE ION' 'Cl -1'
FMN non-polymer 'FLAVIN MONONUCLEOTIDE' 'C17 H21 N4 O9 P'
#
# COMPACT_ATOMS: atom_id res chain seq x y z
N LYS A 2 13.48 -17.13 4.86
CA LYS A 2 13.80 -16.94 6.27
C LYS A 2 13.33 -15.58 6.79
N MET A 3 13.55 -14.55 5.98
CA MET A 3 13.22 -13.17 6.35
C MET A 3 12.15 -12.58 5.43
N LEU A 4 11.50 -11.53 5.90
CA LEU A 4 10.49 -10.91 5.09
C LEU A 4 11.13 -10.38 3.83
N TYR A 5 12.37 -9.95 3.93
CA TYR A 5 13.07 -9.45 2.76
C TYR A 5 13.12 -10.53 1.70
N ASP A 6 13.33 -11.77 2.10
CA ASP A 6 13.48 -12.83 1.13
C ASP A 6 12.16 -13.01 0.41
N LEU A 7 11.10 -12.86 1.16
CA LEU A 7 9.76 -13.04 0.62
C LEU A 7 9.46 -11.92 -0.38
N ALA A 8 9.77 -10.71 0.04
CA ALA A 8 9.57 -9.53 -0.77
C ALA A 8 10.45 -9.59 -1.98
N LYS A 9 11.67 -10.03 -1.77
CA LYS A 9 12.59 -10.06 -2.88
C LYS A 9 12.15 -11.06 -3.92
N LYS A 10 11.68 -12.22 -3.46
CA LYS A 10 11.26 -13.29 -4.35
C LYS A 10 10.00 -12.96 -5.09
N ARG A 11 9.13 -12.19 -4.44
CA ARG A 11 7.87 -11.93 -5.03
C ARG A 11 8.05 -11.03 -6.23
N LYS A 12 7.41 -11.45 -7.31
CA LYS A 12 7.45 -10.76 -8.56
C LYS A 12 6.12 -10.90 -9.25
N THR A 13 5.99 -10.12 -10.30
CA THR A 13 4.77 -10.16 -11.06
C THR A 13 4.57 -11.51 -11.63
N VAL A 14 3.32 -11.94 -11.59
CA VAL A 14 2.95 -13.12 -12.31
C VAL A 14 1.84 -12.73 -13.25
N ARG A 15 2.11 -12.87 -14.55
CA ARG A 15 1.14 -12.61 -15.58
C ARG A 15 0.80 -13.87 -16.33
N ARG A 16 1.47 -14.96 -15.98
CA ARG A 16 1.23 -16.25 -16.56
C ARG A 16 0.72 -17.13 -15.49
N PHE A 17 -0.46 -17.67 -15.68
CA PHE A 17 -1.09 -18.44 -14.65
C PHE A 17 -1.42 -19.80 -15.16
N LYS A 18 -1.46 -20.75 -14.25
CA LYS A 18 -2.04 -22.04 -14.54
C LYS A 18 -3.55 -21.92 -14.46
N LYS A 19 -4.24 -22.83 -15.12
CA LYS A 19 -5.69 -22.89 -15.07
C LYS A 19 -6.09 -23.44 -13.72
N GLU A 20 -5.26 -24.35 -13.22
CA GLU A 20 -5.51 -25.05 -11.96
C GLU A 20 -5.97 -24.07 -10.92
N LYS A 21 -7.08 -24.37 -10.29
CA LYS A 21 -7.65 -23.48 -9.31
C LYS A 21 -7.03 -23.69 -7.94
N PRO A 22 -6.37 -22.65 -7.40
CA PRO A 22 -5.92 -22.78 -6.02
C PRO A 22 -7.10 -22.91 -5.11
N PRO A 23 -6.90 -23.56 -3.98
CA PRO A 23 -7.95 -23.52 -2.96
C PRO A 23 -8.32 -22.11 -2.62
N LEU A 24 -9.62 -21.90 -2.49
CA LEU A 24 -10.13 -20.64 -2.05
C LEU A 24 -9.43 -20.19 -0.78
N GLU A 25 -9.17 -21.14 0.12
CA GLU A 25 -8.56 -20.80 1.40
C GLU A 25 -7.24 -20.06 1.20
N ASP A 26 -6.49 -20.42 0.16
CA ASP A 26 -5.23 -19.75 -0.13
C ASP A 26 -5.47 -18.27 -0.41
N LEU A 27 -6.49 -17.97 -1.19
CA LEU A 27 -6.80 -16.59 -1.51
C LEU A 27 -7.34 -15.90 -0.28
N ILE A 28 -8.25 -16.58 0.42
CA ILE A 28 -8.84 -16.00 1.63
C ILE A 28 -7.75 -15.72 2.65
N TYR A 29 -6.77 -16.62 2.76
CA TYR A 29 -5.64 -16.35 3.65
C TYR A 29 -5.04 -14.99 3.35
N SER A 30 -4.83 -14.71 2.07
CA SER A 30 -4.18 -13.46 1.72
C SER A 30 -5.03 -12.27 2.10
N LEU A 31 -6.35 -12.44 2.04
CA LEU A 31 -7.25 -11.37 2.41
C LEU A 31 -7.20 -11.20 3.91
N LYS A 32 -7.07 -12.31 4.60
CA LYS A 32 -7.01 -12.27 6.05
C LYS A 32 -5.75 -11.58 6.52
N VAL A 33 -4.65 -11.82 5.82
CA VAL A 33 -3.43 -11.11 6.13
C VAL A 33 -3.62 -9.63 5.83
N ALA A 34 -4.13 -9.33 4.66
CA ALA A 34 -4.33 -7.95 4.24
C ALA A 34 -5.21 -7.21 5.21
N ASN A 35 -6.19 -7.93 5.73
CA ASN A 35 -7.17 -7.34 6.60
C ASN A 35 -6.59 -6.93 7.95
N GLU A 36 -5.44 -7.48 8.28
CA GLU A 36 -4.73 -7.12 9.49
C GLU A 36 -3.96 -5.81 9.32
N ALA A 37 -3.89 -5.31 8.10
CA ALA A 37 -3.22 -4.08 7.85
C ALA A 37 -3.89 -2.90 8.56
N PRO A 38 -3.09 -1.90 8.85
CA PRO A 38 -3.61 -0.65 9.37
C PRO A 38 -4.43 0.05 8.30
N SER A 39 -5.19 1.02 8.74
CA SER A 39 -6.00 1.81 7.83
C SER A 39 -6.42 3.04 8.56
N GLY A 40 -6.71 4.09 7.80
CA GLY A 40 -7.20 5.32 8.35
C GLY A 40 -8.42 5.02 9.18
N MET A 41 -8.36 5.50 10.42
CA MET A 41 -9.42 5.32 11.38
C MET A 41 -9.84 3.89 11.54
N ASN A 42 -8.90 2.99 11.29
CA ASN A 42 -9.14 1.57 11.30
C ASN A 42 -10.42 1.18 10.58
N ALA A 43 -10.71 1.92 9.53
CA ALA A 43 -11.92 1.71 8.79
C ALA A 43 -11.90 0.38 8.07
N GLN A 44 -10.72 -0.18 7.84
CA GLN A 44 -10.60 -1.40 7.04
C GLN A 44 -11.35 -1.22 5.74
N PRO A 45 -10.94 -0.22 4.97
CA PRO A 45 -11.68 0.29 3.81
C PRO A 45 -11.58 -0.59 2.57
N TRP A 46 -10.99 -1.73 2.72
CA TRP A 46 -10.88 -2.67 1.62
C TRP A 46 -12.08 -3.53 1.54
N ARG A 47 -12.48 -3.84 0.32
CA ARG A 47 -13.53 -4.80 0.06
C ARG A 47 -13.03 -5.65 -1.05
N PHE A 48 -13.34 -6.93 -0.96
CA PHE A 48 -12.86 -7.90 -1.91
C PHE A 48 -13.96 -8.56 -2.67
N LEU A 49 -13.76 -8.61 -3.98
CA LEU A 49 -14.66 -9.30 -4.86
C LEU A 49 -13.86 -10.31 -5.59
N ILE A 50 -14.22 -11.57 -5.40
CA ILE A 50 -13.52 -12.68 -6.02
C ILE A 50 -14.29 -13.06 -7.23
N VAL A 51 -13.70 -12.78 -8.38
CA VAL A 51 -14.33 -13.10 -9.64
C VAL A 51 -13.74 -14.41 -10.15
N GLU A 52 -14.61 -15.37 -10.38
CA GLU A 52 -14.18 -16.64 -10.90
C GLU A 52 -14.95 -17.03 -12.14
N ASP A 53 -16.12 -16.44 -12.31
CA ASP A 53 -17.01 -16.83 -13.38
C ASP A 53 -16.36 -16.54 -14.72
N GLU A 54 -16.30 -17.54 -15.59
CA GLU A 54 -15.53 -17.40 -16.80
C GLU A 54 -16.09 -16.31 -17.68
N LYS A 55 -17.42 -16.27 -17.84
CA LYS A 55 -18.07 -15.26 -18.65
C LYS A 55 -17.71 -13.88 -18.12
N LEU A 56 -17.81 -13.69 -16.82
CA LEU A 56 -17.54 -12.40 -16.24
C LEU A 56 -16.08 -12.04 -16.39
N LYS A 57 -15.20 -13.03 -16.21
CA LYS A 57 -13.78 -12.79 -16.42
C LYS A 57 -13.55 -12.31 -17.85
N GLY A 58 -14.21 -12.97 -18.78
CA GLY A 58 -14.07 -12.59 -20.18
C GLY A 58 -14.57 -11.17 -20.38
N GLN A 59 -15.69 -10.83 -19.76
CA GLN A 59 -16.21 -9.47 -19.91
C GLN A 59 -15.19 -8.47 -19.37
N ILE A 60 -14.67 -8.76 -18.19
CA ILE A 60 -13.71 -7.90 -17.56
C ILE A 60 -12.50 -7.82 -18.47
N ARG A 61 -12.06 -8.95 -18.97
CA ARG A 61 -10.88 -8.96 -19.85
CA ARG A 61 -10.86 -8.93 -19.81
C ARG A 61 -11.09 -8.05 -21.03
N ARG A 62 -12.21 -8.21 -21.71
CA ARG A 62 -12.43 -7.45 -22.92
C ARG A 62 -12.59 -5.98 -22.66
N VAL A 63 -13.28 -5.62 -21.59
CA VAL A 63 -13.39 -4.22 -21.26
C VAL A 63 -12.02 -3.63 -20.99
N CYS A 64 -11.21 -4.36 -20.27
CA CYS A 64 -9.90 -3.86 -19.94
C CYS A 64 -9.05 -3.76 -21.18
N GLU A 65 -9.13 -4.78 -22.01
CA GLU A 65 -8.36 -4.80 -23.24
C GLU A 65 -8.71 -3.64 -24.13
N ARG A 66 -10.00 -3.36 -24.23
CA ARG A 66 -10.43 -2.26 -25.06
C ARG A 66 -9.82 -0.97 -24.56
N SER A 67 -9.90 -0.81 -23.25
CA SER A 67 -9.41 0.37 -22.58
C SER A 67 -7.91 0.44 -22.79
N GLU A 68 -7.23 -0.69 -22.61
CA GLU A 68 -5.80 -0.77 -22.84
C GLU A 68 -5.46 -0.45 -24.25
N LYS A 69 -6.22 -0.98 -25.18
CA LYS A 69 -5.90 -0.77 -26.58
C LYS A 69 -5.87 0.71 -26.91
N THR A 70 -6.88 1.43 -26.44
CA THR A 70 -6.94 2.87 -26.65
C THR A 70 -5.75 3.53 -25.97
N PHE A 71 -5.44 3.07 -24.77
CA PHE A 71 -4.36 3.64 -23.99
C PHE A 71 -3.04 3.44 -24.71
N TYR A 72 -2.86 2.27 -25.29
CA TYR A 72 -1.62 1.98 -26.02
C TYR A 72 -1.48 2.82 -27.25
N GLU A 73 -2.62 3.23 -27.81
CA GLU A 73 -2.61 4.12 -28.94
C GLU A 73 -2.18 5.52 -28.52
N ASN A 74 -2.36 5.84 -27.25
CA ASN A 74 -2.23 7.21 -26.77
C ASN A 74 -1.08 7.44 -25.82
N VAL A 75 -0.64 6.40 -25.14
CA VAL A 75 0.40 6.53 -24.13
C VAL A 75 1.67 7.08 -24.79
N ARG A 76 2.37 7.90 -24.03
CA ARG A 76 3.58 8.56 -24.48
C ARG A 76 4.56 8.63 -23.32
N GLY A 77 5.72 9.20 -23.55
CA GLY A 77 6.67 9.43 -22.47
C GLY A 77 7.20 8.15 -21.87
N ARG A 78 7.54 8.21 -20.58
CA ARG A 78 8.32 7.18 -19.94
C ARG A 78 7.55 5.89 -19.89
N LEU A 79 6.25 5.97 -19.65
CA LEU A 79 5.46 4.76 -19.55
C LEU A 79 5.41 4.07 -20.90
N LYS A 80 5.16 4.82 -21.96
CA LYS A 80 5.19 4.25 -23.29
C LYS A 80 6.54 3.59 -23.54
N GLU A 81 7.61 4.27 -23.16
CA GLU A 81 8.95 3.75 -23.47
C GLU A 81 9.16 2.45 -22.73
N TRP A 82 8.71 2.42 -21.49
CA TRP A 82 8.88 1.27 -20.65
C TRP A 82 8.06 0.12 -21.18
N LEU A 83 6.80 0.39 -21.50
CA LEU A 83 5.92 -0.65 -22.02
C LEU A 83 6.45 -1.19 -23.32
N ASP A 84 6.98 -0.30 -24.15
CA ASP A 84 7.45 -0.71 -25.44
C ASP A 84 8.65 -1.58 -25.28
N GLU A 85 9.54 -1.19 -24.39
CA GLU A 85 10.80 -1.93 -24.28
C GLU A 85 10.51 -3.32 -23.70
N LYS A 86 9.46 -3.40 -22.89
CA LYS A 86 9.06 -4.65 -22.26
C LYS A 86 8.08 -5.46 -23.14
N ARG A 87 7.76 -4.90 -24.31
CA ARG A 87 6.87 -5.49 -25.28
C ARG A 87 5.52 -5.84 -24.65
N PHE A 88 5.07 -4.96 -23.76
CA PHE A 88 3.70 -5.00 -23.31
C PHE A 88 2.75 -4.69 -24.44
N THR A 89 1.55 -5.24 -24.36
CA THR A 89 0.52 -4.81 -25.27
C THR A 89 -0.77 -4.74 -24.51
N TRP A 90 -1.80 -4.39 -25.24
CA TRP A 90 -3.10 -4.16 -24.61
C TRP A 90 -3.82 -5.45 -24.31
N ARG A 91 -3.34 -6.55 -24.86
CA ARG A 91 -3.97 -7.83 -24.64
C ARG A 91 -3.67 -8.25 -23.22
N LYS A 92 -4.66 -8.76 -22.53
CA LYS A 92 -4.52 -9.14 -21.13
C LYS A 92 -5.09 -10.52 -20.91
N PRO A 93 -4.45 -11.53 -21.48
CA PRO A 93 -4.95 -12.89 -21.41
C PRO A 93 -5.04 -13.39 -19.97
N PHE A 94 -4.22 -12.83 -19.08
CA PHE A 94 -4.19 -13.32 -17.74
C PHE A 94 -5.50 -13.00 -17.06
N LEU A 95 -6.27 -12.08 -17.60
CA LEU A 95 -7.54 -11.79 -16.97
C LEU A 95 -8.54 -12.91 -17.24
N LYS A 96 -8.29 -13.71 -18.26
CA LYS A 96 -9.07 -14.91 -18.46
C LYS A 96 -8.35 -16.10 -17.80
N GLU A 97 -7.03 -16.19 -17.93
CA GLU A 97 -6.35 -17.41 -17.53
C GLU A 97 -6.27 -17.55 -16.01
N ALA A 98 -6.27 -16.44 -15.28
CA ALA A 98 -6.16 -16.54 -13.85
C ALA A 98 -7.45 -17.13 -13.31
N PRO A 99 -7.34 -18.08 -12.39
CA PRO A 99 -8.56 -18.70 -11.88
C PRO A 99 -9.36 -17.75 -11.03
N TYR A 100 -8.71 -16.75 -10.45
CA TYR A 100 -9.38 -15.73 -9.73
C TYR A 100 -9.01 -14.40 -10.24
N LEU A 101 -9.97 -13.50 -10.30
CA LEU A 101 -9.65 -12.09 -10.36
C LEU A 101 -10.12 -11.55 -9.07
N LEU A 102 -9.17 -11.11 -8.26
CA LEU A 102 -9.50 -10.54 -7.00
C LEU A 102 -9.62 -9.06 -7.22
N LEU A 103 -10.83 -8.56 -7.16
CA LEU A 103 -11.07 -7.16 -7.32
C LEU A 103 -11.07 -6.54 -5.95
N VAL A 104 -10.22 -5.55 -5.81
CA VAL A 104 -10.01 -4.92 -4.54
C VAL A 104 -10.56 -3.53 -4.61
N PHE A 105 -11.48 -3.24 -3.71
CA PHE A 105 -12.14 -1.97 -3.70
C PHE A 105 -11.78 -1.20 -2.47
N SER A 106 -11.89 0.11 -2.55
CA SER A 106 -11.72 0.96 -1.40
C SER A 106 -13.02 1.62 -1.09
N GLU A 107 -13.30 1.72 0.20
CA GLU A 107 -14.47 2.41 0.65
C GLU A 107 -14.18 3.90 0.58
N LYS A 108 -14.80 4.55 -0.40
CA LYS A 108 -14.49 5.94 -0.72
C LYS A 108 -14.57 6.87 0.46
N SER A 109 -15.54 6.63 1.32
CA SER A 109 -15.80 7.57 2.37
C SER A 109 -14.79 7.48 3.51
N ALA A 110 -14.01 6.40 3.53
CA ALA A 110 -13.08 6.19 4.64
C ALA A 110 -11.89 7.10 4.53
N PRO A 111 -11.38 7.55 5.66
CA PRO A 111 -10.19 8.40 5.61
C PRO A 111 -8.99 7.65 5.11
N TYR A 112 -8.27 8.27 4.18
CA TYR A 112 -7.11 7.65 3.60
C TYR A 112 -7.46 6.26 3.10
N SER A 113 -8.62 6.15 2.48
CA SER A 113 -9.10 4.87 2.02
C SER A 113 -8.20 4.28 0.97
N ARG A 114 -7.75 5.06 -0.01
CA ARG A 114 -6.97 4.48 -1.07
C ARG A 114 -5.59 4.11 -0.57
N GLU A 115 -5.00 4.99 0.23
CA GLU A 115 -3.71 4.72 0.83
C GLU A 115 -3.79 3.45 1.63
N SER A 116 -4.87 3.32 2.37
CA SER A 116 -4.98 2.16 3.24
C SER A 116 -5.15 0.87 2.46
N VAL A 117 -5.97 0.94 1.42
CA VAL A 117 -6.20 -0.23 0.61
C VAL A 117 -4.91 -0.62 -0.07
N TRP A 118 -4.17 0.35 -0.59
CA TRP A 118 -2.95 -0.02 -1.28
C TRP A 118 -1.92 -0.57 -0.32
N LEU A 119 -1.87 -0.04 0.89
CA LEU A 119 -1.07 -0.62 1.92
C LEU A 119 -1.43 -2.09 2.16
N ALA A 120 -2.71 -2.35 2.34
CA ALA A 120 -3.19 -3.69 2.53
C ALA A 120 -2.87 -4.59 1.32
N VAL A 121 -2.92 -4.02 0.13
CA VAL A 121 -2.54 -4.79 -1.04
C VAL A 121 -1.09 -5.22 -0.92
N GLY A 122 -0.24 -4.40 -0.34
CA GLY A 122 1.13 -4.82 -0.11
C GLY A 122 1.19 -6.06 0.74
N TYR A 123 0.40 -6.04 1.81
CA TYR A 123 0.28 -7.21 2.64
C TYR A 123 -0.19 -8.41 1.85
N LEU A 124 -1.24 -8.16 1.09
CA LEU A 124 -1.90 -9.16 0.31
C LEU A 124 -0.95 -9.84 -0.65
N LEU A 125 -0.14 -9.04 -1.33
CA LEU A 125 0.78 -9.63 -2.27
C LEU A 125 1.78 -10.50 -1.59
N LEU A 126 2.26 -10.07 -0.43
CA LEU A 126 3.23 -10.88 0.29
C LEU A 126 2.57 -12.18 0.73
N ALA A 127 1.32 -12.08 1.17
CA ALA A 127 0.61 -13.27 1.55
C ALA A 127 0.41 -14.22 0.39
N LEU A 128 0.10 -13.69 -0.78
CA LEU A 128 -0.05 -14.58 -1.91
C LEU A 128 1.24 -15.29 -2.19
N GLU A 129 2.32 -14.53 -2.12
CA GLU A 129 3.62 -15.13 -2.32
C GLU A 129 3.88 -16.24 -1.31
N GLU A 130 3.53 -16.00 -0.05
CA GLU A 130 3.69 -17.03 0.97
C GLU A 130 2.95 -18.29 0.57
N LYS A 131 1.81 -18.12 -0.10
CA LYS A 131 0.98 -19.26 -0.45
C LYS A 131 1.33 -19.83 -1.81
N GLY A 132 2.35 -19.26 -2.43
CA GLY A 132 2.82 -19.74 -3.71
C GLY A 132 1.89 -19.33 -4.83
N LEU A 133 1.11 -18.29 -4.60
CA LEU A 133 0.27 -17.80 -5.64
C LEU A 133 0.95 -16.62 -6.25
N GLY A 134 0.52 -16.32 -7.46
CA GLY A 134 1.06 -15.18 -8.17
C GLY A 134 -0.02 -14.18 -8.39
N SER A 135 0.39 -12.96 -8.63
CA SER A 135 -0.55 -11.95 -9.03
CA SER A 135 -0.53 -11.89 -8.87
C SER A 135 0.13 -10.81 -9.70
N VAL A 136 -0.67 -9.87 -10.12
CA VAL A 136 -0.19 -8.66 -10.74
C VAL A 136 -1.21 -7.61 -10.37
N PRO A 137 -0.77 -6.45 -9.91
CA PRO A 137 -1.71 -5.39 -9.64
C PRO A 137 -2.11 -4.81 -10.97
N TYR A 138 -3.21 -5.27 -11.49
CA TYR A 138 -3.56 -4.85 -12.82
C TYR A 138 -4.48 -3.66 -12.72
N THR A 139 -4.13 -2.61 -13.44
CA THR A 139 -4.85 -1.36 -13.36
C THR A 139 -5.13 -0.91 -14.79
N PRO A 140 -6.31 -1.25 -15.31
CA PRO A 140 -6.67 -0.79 -16.64
C PRO A 140 -6.84 0.71 -16.62
N PRO A 141 -6.80 1.35 -17.79
CA PRO A 141 -6.88 2.82 -17.83
C PRO A 141 -8.16 3.34 -17.22
N ASP A 142 -9.23 2.57 -17.37
CA ASP A 142 -10.54 2.93 -16.89
C ASP A 142 -11.11 1.76 -16.11
N PHE A 143 -11.47 2.02 -14.87
CA PHE A 143 -12.07 1.03 -13.98
C PHE A 143 -13.58 1.09 -14.05
N ARG A 144 -14.10 2.17 -14.63
CA ARG A 144 -15.54 2.48 -14.51
C ARG A 144 -16.38 1.38 -15.13
N GLU A 145 -15.96 0.90 -16.29
CA GLU A 145 -16.70 -0.13 -16.99
C GLU A 145 -16.60 -1.44 -16.23
N VAL A 146 -15.44 -1.70 -15.64
CA VAL A 146 -15.26 -2.91 -14.87
C VAL A 146 -16.12 -2.83 -13.64
N GLU A 147 -16.13 -1.65 -13.01
CA GLU A 147 -16.96 -1.48 -11.83
C GLU A 147 -18.39 -1.80 -12.18
N LYS A 148 -18.85 -1.31 -13.31
CA LYS A 148 -20.24 -1.54 -13.67
C LYS A 148 -20.52 -3.02 -13.91
N LEU A 149 -19.56 -3.73 -14.51
CA LEU A 149 -19.73 -5.15 -14.80
C LEU A 149 -20.04 -5.98 -13.58
N VAL A 150 -19.49 -5.56 -12.46
CA VAL A 150 -19.68 -6.31 -11.23
C VAL A 150 -20.64 -5.57 -10.29
N ASN A 151 -21.34 -4.57 -10.80
CA ASN A 151 -22.37 -3.90 -10.03
CA ASN A 151 -22.38 -3.90 -10.03
C ASN A 151 -21.78 -3.24 -8.80
N THR A 152 -20.64 -2.61 -8.98
CA THR A 152 -19.97 -1.95 -7.87
C THR A 152 -20.87 -0.92 -7.29
N PRO A 153 -21.03 -0.96 -5.97
CA PRO A 153 -21.81 0.09 -5.32
C PRO A 153 -21.10 1.40 -5.42
N SER A 154 -21.85 2.49 -5.46
CA SER A 154 -21.23 3.79 -5.62
C SER A 154 -20.24 4.10 -4.51
N GLU A 155 -20.38 3.43 -3.37
CA GLU A 155 -19.55 3.71 -2.21
C GLU A 155 -18.14 3.17 -2.33
N LEU A 156 -17.93 2.34 -3.34
CA LEU A 156 -16.68 1.63 -3.46
C LEU A 156 -16.00 2.00 -4.74
N ARG A 157 -14.69 2.07 -4.66
CA ARG A 157 -13.85 2.38 -5.78
C ARG A 157 -13.03 1.16 -6.08
N LEU A 158 -13.12 0.68 -7.30
CA LEU A 158 -12.25 -0.41 -7.70
C LEU A 158 -10.84 0.10 -7.78
N GLU A 159 -9.95 -0.49 -7.00
CA GLU A 159 -8.58 -0.03 -6.94
C GLU A 159 -7.70 -0.81 -7.86
N VAL A 160 -7.91 -2.11 -7.84
CA VAL A 160 -7.01 -2.96 -8.58
C VAL A 160 -7.67 -4.26 -8.85
N ILE A 161 -7.31 -4.84 -9.97
CA ILE A 161 -7.66 -6.20 -10.32
C ILE A 161 -6.43 -7.01 -10.10
N LEU A 162 -6.51 -7.94 -9.18
CA LEU A 162 -5.42 -8.83 -8.87
C LEU A 162 -5.75 -10.19 -9.42
N PRO A 163 -5.28 -10.51 -10.61
CA PRO A 163 -5.45 -11.89 -11.02
C PRO A 163 -4.64 -12.74 -10.08
N VAL A 164 -5.19 -13.85 -9.66
CA VAL A 164 -4.51 -14.69 -8.72
C VAL A 164 -4.60 -16.10 -9.20
N GLY A 165 -3.50 -16.79 -9.14
CA GLY A 165 -3.49 -18.18 -9.51
C GLY A 165 -2.12 -18.69 -9.24
N TYR A 166 -1.91 -19.94 -9.63
CA TYR A 166 -0.58 -20.50 -9.59
C TYR A 166 0.22 -19.94 -10.73
N PRO A 167 1.44 -19.51 -10.42
CA PRO A 167 2.26 -18.98 -11.51
C PRO A 167 2.60 -20.09 -12.46
N ASP A 168 2.71 -19.71 -13.72
CA ASP A 168 3.09 -20.62 -14.75
C ASP A 168 4.37 -20.12 -15.38
N ASP A 169 5.46 -20.38 -14.68
CA ASP A 169 6.78 -19.94 -15.11
C ASP A 169 6.77 -18.47 -15.50
N PRO A 170 6.56 -17.62 -14.52
CA PRO A 170 6.49 -16.19 -14.79
C PRO A 170 7.85 -15.65 -15.16
N LYS A 171 7.83 -14.55 -15.91
CA LYS A 171 9.04 -13.85 -16.31
C LYS A 171 9.80 -13.40 -15.06
N PRO A 172 11.11 -13.26 -15.16
CA PRO A 172 11.88 -12.85 -14.00
C PRO A 172 11.52 -11.48 -13.51
N LYS A 173 11.78 -11.30 -12.22
CA LYS A 173 11.58 -10.05 -11.55
C LYS A 173 12.40 -9.01 -12.23
N TYR A 174 11.87 -7.81 -12.38
CA TYR A 174 12.67 -6.72 -12.92
C TYR A 174 13.62 -6.24 -11.85
N PRO A 175 14.60 -5.47 -12.26
CA PRO A 175 15.59 -5.06 -11.30
C PRO A 175 15.01 -4.09 -10.29
N ARG A 176 15.74 -3.87 -9.23
CA ARG A 176 15.44 -2.81 -8.33
C ARG A 176 16.65 -1.95 -8.17
N ASN A 177 16.43 -0.67 -8.40
CA ASN A 177 17.38 0.30 -7.96
C ASN A 177 17.55 0.20 -6.47
N GLU A 178 18.71 0.60 -6.02
CA GLU A 178 18.99 0.72 -4.60
C GLU A 178 17.98 1.68 -3.99
N VAL A 179 17.55 1.40 -2.78
CA VAL A 179 16.57 2.26 -2.19
C VAL A 179 17.22 3.62 -1.95
N ILE A 180 16.42 4.67 -2.05
CA ILE A 180 16.98 6.01 -2.04
C ILE A 180 16.59 6.61 -0.74
N VAL A 181 17.60 6.75 0.11
CA VAL A 181 17.39 7.19 1.48
C VAL A 181 18.21 8.43 1.73
N ARG A 182 17.52 9.45 2.21
CA ARG A 182 18.14 10.69 2.58
C ARG A 182 17.93 10.90 4.04
N TYR A 183 18.72 11.80 4.60
CA TYR A 183 18.70 12.07 6.01
C TYR A 183 18.41 13.51 6.28
N ASN A 184 17.40 13.67 7.14
CA ASN A 184 16.92 14.91 7.69
C ASN A 184 16.28 15.83 6.69
N THR A 185 17.01 16.25 5.68
CA THR A 185 16.41 17.08 4.65
C THR A 185 16.99 16.74 3.32
N PHE A 186 16.31 17.19 2.28
CA PHE A 186 16.84 17.09 0.93
C PHE A 186 17.85 18.20 0.74
N MET B 3 5.25 -16.82 10.62
CA MET B 3 4.25 -16.73 9.56
C MET B 3 3.90 -15.29 9.28
N LEU B 4 3.56 -15.02 8.02
CA LEU B 4 3.25 -13.65 7.62
C LEU B 4 1.99 -13.17 8.29
N TYR B 5 1.01 -14.06 8.39
CA TYR B 5 -0.24 -13.69 9.03
C TYR B 5 0.06 -13.27 10.46
N ASP B 6 0.96 -13.97 11.15
CA ASP B 6 1.30 -13.63 12.53
C ASP B 6 1.93 -12.24 12.60
N LEU B 7 2.81 -11.94 11.65
CA LEU B 7 3.45 -10.64 11.58
C LEU B 7 2.40 -9.56 11.40
N ALA B 8 1.53 -9.79 10.44
CA ALA B 8 0.50 -8.82 10.12
C ALA B 8 -0.47 -8.68 11.28
N LYS B 9 -0.83 -9.80 11.86
CA LYS B 9 -1.78 -9.78 12.96
C LYS B 9 -1.21 -9.06 14.17
N LYS B 10 0.05 -9.31 14.48
CA LYS B 10 0.66 -8.71 15.65
C LYS B 10 0.97 -7.25 15.48
N ARG B 11 1.26 -6.84 14.25
CA ARG B 11 1.59 -5.47 14.03
C ARG B 11 0.41 -4.57 14.38
N LYS B 12 0.73 -3.56 15.14
CA LYS B 12 -0.27 -2.61 15.57
C LYS B 12 0.38 -1.29 15.54
N THR B 13 -0.44 -0.25 15.61
CA THR B 13 0.12 1.07 15.73
C THR B 13 0.98 1.21 16.94
N VAL B 14 2.08 1.92 16.78
CA VAL B 14 2.88 2.33 17.90
C VAL B 14 3.02 3.82 17.82
N ARG B 15 2.56 4.51 18.86
CA ARG B 15 2.63 5.95 18.92
C ARG B 15 3.45 6.41 20.08
N ARG B 16 4.06 5.46 20.76
CA ARG B 16 4.86 5.76 21.92
C ARG B 16 6.07 4.88 21.80
N PHE B 17 7.23 5.51 21.89
CA PHE B 17 8.46 4.84 21.63
C PHE B 17 9.41 4.94 22.79
N LYS B 18 10.26 3.93 22.88
CA LYS B 18 11.34 3.95 23.83
C LYS B 18 12.25 5.10 23.48
N LYS B 19 13.01 5.55 24.48
CA LYS B 19 13.94 6.62 24.28
C LYS B 19 15.09 6.15 23.40
N GLU B 20 15.47 4.89 23.56
CA GLU B 20 16.61 4.37 22.83
C GLU B 20 16.35 4.39 21.33
N LYS B 21 17.37 4.75 20.58
CA LYS B 21 17.27 4.77 19.13
C LYS B 21 17.64 3.40 18.57
N PRO B 22 16.76 2.82 17.78
CA PRO B 22 17.13 1.57 17.12
C PRO B 22 18.22 1.79 16.13
N PRO B 23 18.95 0.74 15.83
CA PRO B 23 20.02 0.88 14.84
C PRO B 23 19.40 1.20 13.50
N LEU B 24 20.09 2.06 12.76
CA LEU B 24 19.62 2.50 11.49
C LEU B 24 19.39 1.32 10.57
N GLU B 25 20.23 0.29 10.75
CA GLU B 25 20.19 -0.91 9.91
C GLU B 25 18.80 -1.51 9.86
N ASP B 26 18.06 -1.40 10.95
CA ASP B 26 16.73 -1.98 11.02
C ASP B 26 15.78 -1.20 10.15
N LEU B 27 15.95 0.11 10.09
CA LEU B 27 15.11 0.92 9.24
C LEU B 27 15.50 0.64 7.82
N ILE B 28 16.79 0.62 7.58
CA ILE B 28 17.24 0.43 6.23
C ILE B 28 16.78 -0.92 5.72
N TYR B 29 16.85 -1.94 6.56
CA TYR B 29 16.31 -3.22 6.20
C TYR B 29 14.88 -3.08 5.71
N SER B 30 14.07 -2.35 6.47
CA SER B 30 12.65 -2.22 6.15
CA SER B 30 12.66 -2.23 6.14
C SER B 30 12.46 -1.49 4.84
N LEU B 31 13.34 -0.55 4.56
CA LEU B 31 13.25 0.17 3.30
C LEU B 31 13.67 -0.72 2.19
N LYS B 32 14.65 -1.58 2.42
CA LYS B 32 15.08 -2.51 1.41
C LYS B 32 14.00 -3.52 1.09
N VAL B 33 13.25 -3.91 2.12
CA VAL B 33 12.13 -4.76 1.90
C VAL B 33 11.09 -4.05 1.04
N ALA B 34 10.77 -2.81 1.43
CA ALA B 34 9.78 -2.01 0.75
C ALA B 34 10.17 -1.82 -0.70
N ASN B 35 11.46 -1.66 -0.90
CA ASN B 35 12.01 -1.43 -2.22
C ASN B 35 11.81 -2.60 -3.14
N GLU B 36 11.56 -3.77 -2.57
CA GLU B 36 11.31 -4.96 -3.38
C GLU B 36 9.90 -5.05 -3.85
N ALA B 37 9.07 -4.15 -3.33
CA ALA B 37 7.69 -4.15 -3.71
C ALA B 37 7.55 -3.82 -5.18
N PRO B 38 6.43 -4.24 -5.74
CA PRO B 38 6.09 -3.85 -7.10
C PRO B 38 5.74 -2.40 -7.15
N SER B 39 5.74 -1.87 -8.35
CA SER B 39 5.32 -0.53 -8.56
C SER B 39 4.95 -0.37 -10.00
N GLY B 40 4.14 0.63 -10.27
CA GLY B 40 3.76 0.92 -11.63
C GLY B 40 5.02 1.17 -12.45
N MET B 41 5.06 0.52 -13.60
CA MET B 41 6.21 0.49 -14.52
C MET B 41 7.55 0.31 -13.82
N ASN B 42 7.50 -0.41 -12.70
CA ASN B 42 8.66 -0.68 -11.86
C ASN B 42 9.45 0.59 -11.59
N ALA B 43 8.73 1.69 -11.46
CA ALA B 43 9.36 2.97 -11.26
C ALA B 43 10.02 3.06 -9.89
N GLN B 44 9.59 2.23 -8.97
CA GLN B 44 10.05 2.32 -7.60
C GLN B 44 9.98 3.76 -7.11
N PRO B 45 8.80 4.32 -7.10
CA PRO B 45 8.54 5.75 -6.93
C PRO B 45 8.61 6.23 -5.49
N TRP B 46 9.08 5.39 -4.60
CA TRP B 46 9.22 5.74 -3.23
C TRP B 46 10.56 6.37 -2.98
N ARG B 47 10.56 7.37 -2.11
CA ARG B 47 11.80 7.97 -1.68
C ARG B 47 11.67 8.10 -0.20
N PHE B 48 12.77 7.94 0.50
CA PHE B 48 12.73 7.95 1.94
C PHE B 48 13.63 9.01 2.49
N LEU B 49 13.11 9.66 3.51
CA LEU B 49 13.87 10.64 4.23
C LEU B 49 13.77 10.23 5.66
N ILE B 50 14.90 9.94 6.25
CA ILE B 50 14.98 9.63 7.66
C ILE B 50 15.36 10.87 8.42
N VAL B 51 14.44 11.34 9.24
CA VAL B 51 14.68 12.52 10.03
C VAL B 51 15.09 12.07 11.41
N GLU B 52 16.27 12.51 11.82
CA GLU B 52 16.74 12.20 13.16
C GLU B 52 16.97 13.44 13.97
N ASP B 53 17.23 14.54 13.26
CA ASP B 53 17.59 15.77 13.90
C ASP B 53 16.47 16.21 14.83
N GLU B 54 16.84 16.42 16.08
CA GLU B 54 15.84 16.70 17.10
C GLU B 54 15.09 18.00 16.84
N LYS B 55 15.81 19.06 16.43
CA LYS B 55 15.18 20.33 16.14
C LYS B 55 14.19 20.14 14.99
N LEU B 56 14.61 19.43 13.97
CA LEU B 56 13.76 19.24 12.83
C LEU B 56 12.52 18.44 13.17
N LYS B 57 12.69 17.38 13.95
CA LYS B 57 11.55 16.63 14.44
C LYS B 57 10.64 17.54 15.22
N GLY B 58 11.24 18.36 16.05
CA GLY B 58 10.47 19.32 16.82
C GLY B 58 9.70 20.22 15.91
N GLN B 59 10.33 20.68 14.83
CA GLN B 59 9.65 21.54 13.87
C GLN B 59 8.48 20.82 13.24
N ILE B 60 8.72 19.58 12.85
CA ILE B 60 7.69 18.77 12.23
C ILE B 60 6.57 18.57 13.21
N ARG B 61 6.94 18.24 14.44
CA ARG B 61 5.93 18.02 15.48
C ARG B 61 5.09 19.26 15.60
N ARG B 62 5.74 20.42 15.68
CA ARG B 62 5.00 21.64 15.93
C ARG B 62 4.12 22.00 14.75
N VAL B 63 4.57 21.81 13.51
CA VAL B 63 3.72 22.20 12.40
C VAL B 63 2.55 21.26 12.32
N CYS B 64 2.80 20.00 12.59
CA CYS B 64 1.73 19.03 12.54
C CYS B 64 0.73 19.28 13.63
N GLU B 65 1.21 19.57 14.83
CA GLU B 65 0.28 19.80 15.95
C GLU B 65 -0.53 21.05 15.71
N ARG B 66 0.10 22.11 15.23
CA ARG B 66 -0.64 23.33 14.96
C ARG B 66 -1.74 23.03 13.98
N SER B 67 -1.46 22.20 12.99
CA SER B 67 -2.45 21.86 11.98
C SER B 67 -3.48 20.95 12.58
N GLU B 68 -3.03 20.00 13.38
CA GLU B 68 -3.99 19.12 14.04
C GLU B 68 -4.90 19.89 14.97
N LYS B 69 -4.36 20.91 15.63
CA LYS B 69 -5.19 21.68 16.58
C LYS B 69 -6.42 22.17 15.86
N THR B 70 -6.22 22.74 14.68
CA THR B 70 -7.31 23.26 13.91
C THR B 70 -8.21 22.12 13.49
N PHE B 71 -7.60 21.03 13.03
CA PHE B 71 -8.38 19.85 12.67
C PHE B 71 -9.29 19.43 13.81
N TYR B 72 -8.71 19.34 15.00
CA TYR B 72 -9.50 18.87 16.14
C TYR B 72 -10.55 19.86 16.57
N GLU B 73 -10.27 21.14 16.44
CA GLU B 73 -11.24 22.17 16.77
C GLU B 73 -12.52 21.96 15.98
N ASN B 74 -12.38 21.49 14.74
CA ASN B 74 -13.47 21.50 13.81
C ASN B 74 -14.07 20.15 13.48
N VAL B 75 -13.32 19.08 13.73
CA VAL B 75 -13.74 17.76 13.28
C VAL B 75 -15.11 17.46 13.88
N ARG B 76 -15.90 16.73 13.13
CA ARG B 76 -17.21 16.39 13.65
C ARG B 76 -17.66 15.03 13.15
N GLY B 77 -18.86 14.66 13.55
CA GLY B 77 -19.46 13.45 13.05
C GLY B 77 -18.67 12.21 13.41
N ARG B 78 -18.73 11.25 12.51
CA ARG B 78 -18.10 9.93 12.67
C ARG B 78 -16.60 10.02 12.97
N LEU B 79 -15.94 10.96 12.30
CA LEU B 79 -14.51 11.14 12.45
C LEU B 79 -14.21 11.53 13.86
N LYS B 80 -14.93 12.54 14.31
CA LYS B 80 -14.78 13.07 15.65
C LYS B 80 -15.02 11.94 16.63
N GLU B 81 -16.08 11.18 16.40
CA GLU B 81 -16.48 10.17 17.37
C GLU B 81 -15.40 9.11 17.52
N TRP B 82 -14.82 8.71 16.40
CA TRP B 82 -13.79 7.71 16.45
C TRP B 82 -12.55 8.27 17.12
N LEU B 83 -12.17 9.49 16.79
CA LEU B 83 -10.98 10.07 17.37
C LEU B 83 -11.19 10.23 18.86
N ASP B 84 -12.41 10.58 19.25
CA ASP B 84 -12.70 10.76 20.65
C ASP B 84 -12.66 9.44 21.39
N GLU B 85 -13.24 8.43 20.78
CA GLU B 85 -13.38 7.17 21.47
C GLU B 85 -12.00 6.55 21.64
N LYS B 86 -11.10 6.85 20.71
CA LYS B 86 -9.72 6.33 20.74
C LYS B 86 -8.80 7.29 21.51
N ARG B 87 -9.36 8.42 21.93
CA ARG B 87 -8.69 9.39 22.79
C ARG B 87 -7.53 10.06 22.07
N PHE B 88 -7.70 10.24 20.77
CA PHE B 88 -6.74 11.06 20.04
C PHE B 88 -6.96 12.52 20.36
N THR B 89 -5.89 13.29 20.27
CA THR B 89 -6.00 14.72 20.30
C THR B 89 -5.06 15.26 19.26
N TRP B 90 -4.98 16.57 19.18
CA TRP B 90 -4.06 17.20 18.26
C TRP B 90 -2.62 16.93 18.65
N ARG B 91 -2.38 16.46 19.85
CA ARG B 91 -1.01 16.27 20.34
C ARG B 91 -0.38 15.10 19.63
N LYS B 92 0.82 15.32 19.08
CA LYS B 92 1.54 14.26 18.37
C LYS B 92 2.96 14.20 18.88
N PRO B 93 3.12 13.89 20.16
CA PRO B 93 4.45 13.98 20.76
C PRO B 93 5.42 13.04 20.08
N PHE B 94 4.91 11.97 19.48
CA PHE B 94 5.78 10.97 18.90
C PHE B 94 6.55 11.57 17.72
N LEU B 95 6.08 12.70 17.21
CA LEU B 95 6.78 13.31 16.10
C LEU B 95 8.10 13.84 16.58
N LYS B 96 8.17 14.20 17.85
CA LYS B 96 9.41 14.66 18.42
C LYS B 96 10.12 13.49 19.05
N GLU B 97 9.37 12.62 19.69
CA GLU B 97 9.98 11.68 20.60
C GLU B 97 10.45 10.42 19.92
N ALA B 98 9.83 10.06 18.81
CA ALA B 98 10.34 8.93 18.03
C ALA B 98 11.78 9.21 17.61
N PRO B 99 12.63 8.18 17.69
CA PRO B 99 14.03 8.40 17.32
C PRO B 99 14.20 8.80 15.88
N TYR B 100 13.33 8.22 15.07
CA TYR B 100 13.33 8.46 13.64
C TYR B 100 11.98 8.89 13.18
N LEU B 101 11.93 9.88 12.29
CA LEU B 101 10.76 10.05 11.49
C LEU B 101 11.15 9.59 10.13
N LEU B 102 10.48 8.56 9.65
CA LEU B 102 10.72 8.10 8.31
C LEU B 102 9.68 8.73 7.44
N LEU B 103 10.09 9.70 6.63
CA LEU B 103 9.16 10.33 5.73
C LEU B 103 9.23 9.59 4.43
N VAL B 104 8.06 9.21 3.96
CA VAL B 104 7.94 8.47 2.73
C VAL B 104 7.35 9.37 1.69
N PHE B 105 8.03 9.48 0.57
CA PHE B 105 7.60 10.30 -0.52
C PHE B 105 7.32 9.48 -1.73
N SER B 106 6.46 10.00 -2.59
CA SER B 106 6.20 9.38 -3.86
C SER B 106 6.68 10.30 -4.95
N GLU B 107 7.21 9.71 -6.01
CA GLU B 107 7.61 10.43 -7.18
C GLU B 107 6.34 10.77 -7.96
N LYS B 108 5.98 12.05 -8.01
CA LYS B 108 4.71 12.47 -8.58
C LYS B 108 4.51 11.97 -10.02
N SER B 109 5.56 11.99 -10.79
CA SER B 109 5.43 11.68 -12.21
C SER B 109 5.34 10.19 -12.50
N ALA B 110 5.67 9.36 -11.54
CA ALA B 110 5.66 7.93 -11.78
C ALA B 110 4.22 7.45 -11.91
N PRO B 111 3.94 6.56 -12.89
CA PRO B 111 2.61 5.99 -12.98
C PRO B 111 2.23 5.25 -11.73
N TYR B 112 1.02 5.50 -11.25
CA TYR B 112 0.49 4.86 -10.07
C TYR B 112 1.49 4.98 -8.92
N SER B 113 2.12 6.14 -8.83
CA SER B 113 3.09 6.42 -7.79
C SER B 113 2.49 6.26 -6.42
N ARG B 114 1.30 6.79 -6.20
CA ARG B 114 0.74 6.77 -4.85
C ARG B 114 0.39 5.36 -4.46
N GLU B 115 -0.27 4.64 -5.36
CA GLU B 115 -0.65 3.26 -5.13
C GLU B 115 0.57 2.47 -4.81
N SER B 116 1.61 2.67 -5.61
CA SER B 116 2.81 1.92 -5.44
C SER B 116 3.52 2.21 -4.14
N VAL B 117 3.62 3.47 -3.80
CA VAL B 117 4.28 3.82 -2.56
C VAL B 117 3.51 3.26 -1.40
N TRP B 118 2.20 3.38 -1.42
CA TRP B 118 1.46 2.85 -0.28
C TRP B 118 1.51 1.35 -0.19
N LEU B 119 1.51 0.68 -1.30
CA LEU B 119 1.78 -0.74 -1.33
C LEU B 119 3.10 -1.03 -0.65
N ALA B 120 4.13 -0.27 -1.03
CA ALA B 120 5.43 -0.49 -0.49
C ALA B 120 5.43 -0.17 0.99
N VAL B 121 4.60 0.78 1.41
CA VAL B 121 4.51 1.08 2.82
C VAL B 121 3.98 -0.14 3.54
N GLY B 122 3.08 -0.88 2.90
CA GLY B 122 2.63 -2.12 3.50
C GLY B 122 3.77 -3.04 3.78
N TYR B 123 4.64 -3.18 2.81
CA TYR B 123 5.82 -4.00 3.02
C TYR B 123 6.65 -3.48 4.16
N LEU B 124 6.84 -2.18 4.13
CA LEU B 124 7.68 -1.47 5.05
C LEU B 124 7.20 -1.72 6.45
N LEU B 125 5.91 -1.59 6.64
CA LEU B 125 5.41 -1.76 7.98
C LEU B 125 5.60 -3.14 8.51
N LEU B 126 5.44 -4.11 7.62
CA LEU B 126 5.63 -5.49 8.03
C LEU B 126 7.09 -5.70 8.37
N ALA B 127 7.96 -5.07 7.60
CA ALA B 127 9.36 -5.20 7.86
C ALA B 127 9.74 -4.59 9.19
N LEU B 128 9.19 -3.43 9.49
CA LEU B 128 9.44 -2.81 10.78
C LEU B 128 8.99 -3.73 11.89
N GLU B 129 7.82 -4.31 11.72
CA GLU B 129 7.33 -5.26 12.71
C GLU B 129 8.27 -6.43 12.87
N GLU B 130 8.72 -6.97 11.74
CA GLU B 130 9.69 -8.06 11.75
C GLU B 130 10.91 -7.70 12.58
N LYS B 131 11.34 -6.45 12.45
CA LYS B 131 12.53 -5.98 13.11
C LYS B 131 12.25 -5.50 14.52
N GLY B 132 11.01 -5.61 14.93
CA GLY B 132 10.63 -5.30 16.30
C GLY B 132 10.51 -3.82 16.56
N LEU B 133 10.32 -3.07 15.49
CA LEU B 133 10.17 -1.64 15.59
C LEU B 133 8.70 -1.36 15.52
N GLY B 134 8.35 -0.18 15.99
CA GLY B 134 6.98 0.24 15.95
C GLY B 134 6.89 1.41 15.00
N SER B 135 5.71 1.64 14.47
CA SER B 135 5.46 2.80 13.65
CA SER B 135 5.47 2.83 13.68
C SER B 135 4.01 3.18 13.66
N VAL B 136 3.73 4.36 13.15
CA VAL B 136 2.36 4.80 12.92
C VAL B 136 2.43 5.55 11.61
N PRO B 137 1.54 5.23 10.69
CA PRO B 137 1.45 6.04 9.47
C PRO B 137 0.78 7.33 9.82
N TYR B 138 1.57 8.33 10.13
CA TYR B 138 0.98 9.57 10.54
C TYR B 138 0.78 10.46 9.33
N THR B 139 -0.44 10.93 9.15
CA THR B 139 -0.74 11.77 8.00
C THR B 139 -1.04 13.17 8.50
N PRO B 140 -0.11 14.08 8.28
CA PRO B 140 -0.31 15.46 8.74
C PRO B 140 -1.50 16.09 8.04
N PRO B 141 -2.19 17.02 8.70
CA PRO B 141 -3.32 17.67 8.02
C PRO B 141 -2.85 18.53 6.85
N ASP B 142 -1.64 19.06 6.98
CA ASP B 142 -1.04 19.93 5.96
C ASP B 142 0.31 19.36 5.59
N PHE B 143 0.35 18.62 4.49
CA PHE B 143 1.59 18.01 4.04
C PHE B 143 2.62 19.03 3.62
N ARG B 144 2.17 20.10 2.98
CA ARG B 144 3.10 21.05 2.37
C ARG B 144 4.03 21.67 3.38
N GLU B 145 3.51 22.01 4.57
CA GLU B 145 4.34 22.63 5.56
C GLU B 145 5.46 21.68 5.96
N VAL B 146 5.15 20.39 6.02
CA VAL B 146 6.17 19.41 6.40
C VAL B 146 7.13 19.23 5.26
N GLU B 147 6.60 19.15 4.06
CA GLU B 147 7.43 19.05 2.89
C GLU B 147 8.46 20.16 2.84
N LYS B 148 8.04 21.38 3.14
CA LYS B 148 8.96 22.50 3.03
C LYS B 148 10.04 22.42 4.08
N LEU B 149 9.66 21.96 5.27
CA LEU B 149 10.61 21.81 6.36
C LEU B 149 11.80 20.99 5.97
N VAL B 150 11.57 20.01 5.11
CA VAL B 150 12.65 19.11 4.77
C VAL B 150 13.15 19.37 3.34
N ASN B 151 12.77 20.51 2.78
CA ASN B 151 13.21 20.90 1.44
CA ASN B 151 13.20 20.91 1.45
C ASN B 151 12.82 19.88 0.40
N THR B 152 11.58 19.43 0.46
CA THR B 152 11.09 18.45 -0.48
C THR B 152 11.17 19.01 -1.87
N PRO B 153 11.81 18.27 -2.77
CA PRO B 153 11.82 18.69 -4.17
C PRO B 153 10.44 18.60 -4.75
N SER B 154 10.12 19.48 -5.70
CA SER B 154 8.80 19.57 -6.27
C SER B 154 8.35 18.26 -6.91
N GLU B 155 9.29 17.40 -7.31
CA GLU B 155 8.94 16.16 -7.99
C GLU B 155 8.47 15.08 -7.01
N LEU B 156 8.64 15.34 -5.72
CA LEU B 156 8.24 14.40 -4.70
C LEU B 156 7.07 14.89 -3.89
N ARG B 157 6.29 13.91 -3.47
CA ARG B 157 5.09 14.13 -2.71
C ARG B 157 5.26 13.40 -1.42
N LEU B 158 5.19 14.09 -0.29
CA LEU B 158 5.20 13.42 0.99
C LEU B 158 3.92 12.64 1.15
N GLU B 159 4.05 11.36 1.46
CA GLU B 159 2.89 10.49 1.60
C GLU B 159 2.55 10.31 3.03
N VAL B 160 3.56 10.08 3.83
CA VAL B 160 3.29 9.69 5.19
C VAL B 160 4.50 9.91 6.02
N ILE B 161 4.28 10.23 7.28
CA ILE B 161 5.36 10.33 8.24
C ILE B 161 5.27 9.10 9.08
N LEU B 162 6.34 8.32 9.11
CA LEU B 162 6.41 7.10 9.91
C LEU B 162 7.37 7.31 11.02
N PRO B 163 6.87 7.69 12.19
CA PRO B 163 7.77 7.68 13.34
C PRO B 163 8.13 6.25 13.59
N VAL B 164 9.39 6.01 13.84
CA VAL B 164 9.89 4.66 14.02
C VAL B 164 10.74 4.65 15.25
N GLY B 165 10.56 3.59 16.02
CA GLY B 165 11.31 3.45 17.22
C GLY B 165 10.96 2.11 17.81
N TYR B 166 11.59 1.85 18.93
CA TYR B 166 11.20 0.72 19.71
C TYR B 166 9.85 1.02 20.34
N PRO B 167 8.92 0.06 20.25
CA PRO B 167 7.61 0.35 20.83
C PRO B 167 7.69 0.55 22.32
N ASP B 168 6.86 1.45 22.82
CA ASP B 168 6.87 1.65 24.26
C ASP B 168 5.50 1.55 24.87
N ASP B 169 5.21 0.34 25.36
CA ASP B 169 3.92 -0.02 25.95
C ASP B 169 2.78 0.44 25.02
N PRO B 170 2.85 0.01 23.75
CA PRO B 170 1.80 0.44 22.83
C PRO B 170 0.41 0.03 23.32
N LYS B 171 -0.58 0.84 22.99
CA LYS B 171 -1.98 0.49 23.24
C LYS B 171 -2.33 -0.72 22.39
N PRO B 172 -3.38 -1.46 22.75
CA PRO B 172 -3.71 -2.66 21.98
C PRO B 172 -4.10 -2.35 20.55
N LYS B 173 -3.84 -3.32 19.71
CA LYS B 173 -4.33 -3.29 18.35
C LYS B 173 -5.84 -3.14 18.40
N TYR B 174 -6.37 -2.32 17.51
CA TYR B 174 -7.81 -2.24 17.36
C TYR B 174 -8.35 -3.47 16.68
N PRO B 175 -9.66 -3.66 16.79
CA PRO B 175 -10.24 -4.83 16.16
C PRO B 175 -10.06 -4.86 14.68
N ARG B 176 -10.17 -6.06 14.17
CA ARG B 176 -10.35 -6.27 12.76
C ARG B 176 -11.59 -7.07 12.55
N ASN B 177 -12.50 -6.51 11.79
CA ASN B 177 -13.62 -7.30 11.32
C ASN B 177 -13.10 -8.39 10.40
N GLU B 178 -13.73 -9.55 10.44
CA GLU B 178 -13.47 -10.60 9.47
C GLU B 178 -13.67 -10.07 8.08
N VAL B 179 -12.84 -10.51 7.15
CA VAL B 179 -13.10 -10.23 5.77
C VAL B 179 -14.39 -10.92 5.39
N ILE B 180 -15.25 -10.18 4.72
CA ILE B 180 -16.43 -10.73 4.12
C ILE B 180 -16.26 -10.53 2.64
N VAL B 181 -16.01 -11.63 1.96
CA VAL B 181 -15.80 -11.58 0.52
C VAL B 181 -17.12 -11.59 -0.19
N ARG B 182 -17.07 -11.09 -1.40
CA ARG B 182 -18.12 -11.26 -2.35
C ARG B 182 -17.55 -11.99 -3.51
N TYR B 183 -18.44 -12.62 -4.24
CA TYR B 183 -18.09 -13.39 -5.42
C TYR B 183 -18.74 -12.86 -6.64
N ASN B 184 -17.89 -12.68 -7.65
CA ASN B 184 -18.23 -12.31 -9.00
C ASN B 184 -18.84 -10.96 -9.16
N THR B 185 -19.98 -10.73 -8.53
CA THR B 185 -20.57 -9.40 -8.56
C THR B 185 -21.14 -9.08 -7.21
N PHE B 186 -21.36 -7.79 -7.02
CA PHE B 186 -22.13 -7.30 -5.88
C PHE B 186 -23.61 -7.59 -6.14
N1 FMN C . 1.43 -4.67 -14.45
C2 FMN C . 0.73 -4.79 -15.59
O2 FMN C . 1.05 -5.67 -16.40
N3 FMN C . -0.31 -3.96 -15.87
C4 FMN C . -0.71 -2.99 -14.99
O4 FMN C . -1.65 -2.25 -15.25
C4A FMN C . 0.01 -2.85 -13.82
N5 FMN C . -0.36 -1.90 -12.92
C5A FMN C . 0.32 -1.81 -11.75
C6 FMN C . -0.11 -0.86 -10.84
C7 FMN C . 0.55 -0.73 -9.64
C7M FMN C . 0.08 0.30 -8.67
C8 FMN C . 1.62 -1.57 -9.37
C8M FMN C . 2.28 -1.45 -8.03
C9 FMN C . 2.04 -2.55 -10.27
C9A FMN C . 1.38 -2.66 -11.48
N10 FMN C . 1.77 -3.60 -12.42
C10 FMN C . 1.05 -3.71 -13.57
C1' FMN C . 2.90 -4.53 -12.18
C2' FMN C . 4.21 -3.78 -12.40
O2' FMN C . 4.49 -3.69 -13.78
C3' FMN C . 5.32 -4.51 -11.63
O3' FMN C . 5.06 -4.42 -10.25
C4' FMN C . 6.71 -3.97 -11.94
O4' FMN C . 6.97 -4.28 -13.30
C5' FMN C . 7.75 -4.66 -11.09
O5' FMN C . 7.61 -6.04 -11.28
P FMN C . 8.58 -7.04 -10.52
O1P FMN C . 8.31 -8.45 -11.11
O2P FMN C . 8.27 -7.01 -9.02
O3P FMN C . 9.99 -6.54 -10.82
HN3 FMN C . -0.82 -4.06 -16.77
H6 FMN C . -0.84 -0.10 -11.15
HM71 FMN C . 0.71 0.27 -7.77
HM72 FMN C . -0.95 0.10 -8.39
HM73 FMN C . 0.16 1.29 -9.12
HM81 FMN C . 3.07 -2.20 -7.95
HM82 FMN C . 1.55 -1.61 -7.24
HM83 FMN C . 2.72 -0.46 -7.93
H9 FMN C . 2.70 -3.36 -9.93
H1'1 FMN C . 2.84 -5.37 -12.88
H1'2 FMN C . 2.86 -4.92 -11.17
H2' FMN C . 4.11 -2.78 -11.98
HO2' FMN C . 5.35 -4.12 -13.97
H3' FMN C . 5.30 -5.55 -11.94
HO3' FMN C . 5.85 -4.04 -9.79
H4' FMN C . 6.74 -2.89 -11.77
HO4' FMN C . 7.76 -4.86 -13.35
H5'1 FMN C . 7.61 -4.41 -10.04
H5'2 FMN C . 8.75 -4.35 -11.39
N YOF D . -2.12 -1.12 -17.62
CA YOF D . -1.37 -1.19 -18.83
C YOF D . -1.04 -2.65 -19.05
O YOF D . -0.34 -2.92 -20.16
OXT YOF D . -1.32 -3.57 -18.28
CB YOF D . -0.04 -0.44 -18.74
CG YOF D . 0.81 -0.76 -17.57
CD1 YOF D . 0.92 0.19 -16.54
CD2 YOF D . 1.57 -1.93 -17.51
CE1 YOF D . 1.78 -0.07 -15.47
CE2 YOF D . 2.42 -2.20 -16.44
CZ YOF D . 2.51 -1.27 -15.41
OH YOF D . 3.33 -1.52 -14.37
F YOF D . 1.89 0.79 -14.45
CL CL E . 3.56 -6.96 -9.77
CL CL F . -11.85 7.63 -3.78
CL CL G . 4.74 -13.63 -16.21
N YOF H . -4.29 12.88 11.59
CA YOF H . -5.14 12.98 12.77
C YOF H . -4.39 12.45 13.96
O YOF H . -5.02 12.64 15.15
OXT YOF H . -3.29 11.92 13.98
CB YOF H . -6.45 12.22 12.62
CG YOF H . -6.34 10.76 12.39
CD1 YOF H . -6.63 10.29 11.12
CD2 YOF H . -5.94 9.88 13.40
CE1 YOF H . -6.57 8.92 10.88
CE2 YOF H . -5.91 8.50 13.18
CZ YOF H . -6.19 8.02 11.89
OH YOF H . -6.16 6.69 11.62
F YOF H . -6.87 8.41 9.70
N1 FMN I . -2.80 7.24 13.08
C2 FMN I . -2.70 8.45 13.66
O2 FMN I . -2.60 8.46 14.86
N3 FMN I . -2.76 9.63 12.97
C4 FMN I . -2.87 9.58 11.60
O4 FMN I . -2.90 10.60 10.92
C4A FMN I . -2.95 8.35 11.00
N5 FMN I . -3.06 8.28 9.64
C5A FMN I . -3.10 7.07 9.04
C6 FMN I . -3.18 7.04 7.66
C7 FMN I . -3.21 5.81 7.05
C7M FMN I . -3.27 5.78 5.56
C8 FMN I . -3.15 4.64 7.77
C8M FMN I . -3.16 3.31 7.12
C9 FMN I . -3.09 4.68 9.15
C9A FMN I . -3.04 5.90 9.76
N10 FMN I . -2.97 5.97 11.13
C10 FMN I . -2.89 7.19 11.72
C1' FMN I . -2.94 4.73 11.98
C2' FMN I . -4.39 4.22 12.15
O2' FMN I . -5.14 4.96 13.11
C3' FMN I . -4.28 2.74 12.52
O3' FMN I . -3.71 2.09 11.42
C4' FMN I . -5.60 2.08 12.85
O4' FMN I . -6.12 2.74 13.97
C5' FMN I . -5.44 0.60 13.16
O5' FMN I . -4.50 0.44 14.18
P FMN I . -4.17 -1.00 14.65
O1P FMN I . -5.45 -1.69 15.02
O2P FMN I . -3.22 -0.80 15.82
O3P FMN I . -3.39 -1.70 13.57
HN3 FMN I . -2.48 10.52 13.44
H6 FMN I . -3.51 7.93 7.11
HM71 FMN I . -3.27 4.74 5.22
HM72 FMN I . -2.41 6.29 5.15
HM73 FMN I . -4.18 6.27 5.22
HM81 FMN I . -3.13 2.53 7.88
HM82 FMN I . -2.30 3.22 6.47
HM83 FMN I . -4.08 3.20 6.54
H9 FMN I . -3.29 3.78 9.73
H1'1 FMN I . -2.50 4.96 12.96
H1'2 FMN I . -2.33 3.97 11.50
H2' FMN I . -4.88 4.28 11.18
HO2' FMN I . -5.45 4.37 13.82
H3' FMN I . -3.62 2.65 13.39
HO3' FMN I . -4.31 1.36 11.13
H4' FMN I . -6.28 2.19 12.00
HO4' FMN I . -6.27 2.10 14.70
H5'1 FMN I . -5.12 0.07 12.27
H5'2 FMN I . -6.40 0.19 13.47
CL CL J . -11.72 0.83 15.74
CL CL K . -0.86 1.91 12.29
#